data_9CAX
#
_entry.id   9CAX
#
_cell.length_a   1.00
_cell.length_b   1.00
_cell.length_c   1.00
_cell.angle_alpha   90.00
_cell.angle_beta   90.00
_cell.angle_gamma   90.00
#
_symmetry.space_group_name_H-M   'P 1'
#
_entity_poly.entity_id   1
_entity_poly.type   'polypeptide(L)'
_entity_poly.pdbx_seq_one_letter_code
;MASDYKDDDDKGALEVLFQGPSSPMADLEDNWETLNDNLKVIEKADNAAQVKDALTKMRAAALDAQKATPPKLEDKSPDS
PEMKDFRHGFDILVGQIDDALKLANEGKVKEAQAAAEQLKTTRNAYIQKYLSCSLLVASLAGAFGSSFLYGYNLSVVNAP
TPYIKAFYNESWERRHGRPIDPDTLTLLWSVTVSIFAIGGLVGTLIVKMIGKVLGRKHTLLANNGFAISAALLMACSLQA
GAFEMLIVGRFIMGIDGGVALSVLPMYLSEISPKEIRGSLGQVTAIFICIGVFTGQLLGLPELLGKESTWPYLFGVIVVP
AVVQLLSLPFLPDSPRYLLLEKHNEARAVKAFQTFLGKADVSQEVEEVLAESRVQRSIRLVSVLELLRAPYVRWQVVTVI
VTMACYQLCGLNAIWFYTNSIFGKAGIPPAKIPYVTLSTGGIETLAAVFSGLVIEHLGRRPLLIGGFGLMGLFFGTLTIT
LTLQDHAPWVPYLSIVGILAIIASFCSGPGGIPFILTGEFFQQSQRPAAFIIAGTVNWLSNFAVGLLFPFIQKSLDTYCF
LVFATICITGAIYLYFVLPETKNRTYAEISQAFSKRNKAYPPEEKIDSAVTDGKINGRPGLVPRGSSAHHHHHHHHHHGA
;
_entity_poly.pdbx_strand_id   A
#
# COMPACT_ATOMS: atom_id res chain seq x y z
N SER A 132 -8.32 19.24 19.69
CA SER A 132 -8.39 17.97 20.42
C SER A 132 -7.02 17.32 20.49
N CYS A 133 -6.37 17.43 21.65
CA CYS A 133 -5.04 16.86 21.84
C CYS A 133 -5.07 15.34 21.83
N SER A 134 -6.18 14.74 22.30
CA SER A 134 -6.29 13.28 22.31
C SER A 134 -6.41 12.70 20.91
N LEU A 135 -6.87 13.49 19.93
CA LEU A 135 -6.96 12.99 18.57
C LEU A 135 -5.60 12.97 17.88
N LEU A 136 -4.73 13.93 18.21
CA LEU A 136 -3.42 13.99 17.56
C LEU A 136 -2.56 12.79 17.93
N VAL A 137 -2.57 12.39 19.20
CA VAL A 137 -1.76 11.26 19.63
C VAL A 137 -2.32 9.96 19.06
N ALA A 138 -3.64 9.84 18.98
CA ALA A 138 -4.26 8.63 18.42
C ALA A 138 -3.96 8.49 16.93
N SER A 139 -3.98 9.60 16.18
CA SER A 139 -3.72 9.53 14.75
C SER A 139 -2.24 9.31 14.46
N LEU A 140 -1.36 9.98 15.21
CA LEU A 140 0.07 9.87 14.96
C LEU A 140 0.59 8.49 15.34
N ALA A 141 0.26 8.02 16.54
CA ALA A 141 0.76 6.73 17.00
C ALA A 141 0.05 5.56 16.33
N GLY A 142 -1.19 5.76 15.90
CA GLY A 142 -1.88 4.70 15.16
C GLY A 142 -1.24 4.44 13.81
N ALA A 143 -0.85 5.50 13.10
CA ALA A 143 -0.19 5.34 11.81
C ALA A 143 1.26 4.94 11.96
N PHE A 144 1.92 5.34 13.06
CA PHE A 144 3.33 5.04 13.23
C PHE A 144 3.58 3.55 13.48
N GLY A 145 2.59 2.84 14.03
CA GLY A 145 2.79 1.45 14.35
C GLY A 145 2.41 0.50 13.24
N SER A 146 1.43 0.89 12.42
CA SER A 146 0.86 -0.01 11.43
C SER A 146 1.00 0.48 10.01
N SER A 147 0.58 1.72 9.71
CA SER A 147 0.69 2.24 8.35
C SER A 147 2.13 2.61 8.01
N PHE A 148 2.92 3.00 9.01
CA PHE A 148 4.34 3.25 8.80
C PHE A 148 5.06 1.97 8.38
N LEU A 149 4.72 0.85 9.01
CA LEU A 149 5.45 -0.39 8.77
C LEU A 149 5.15 -1.01 7.42
N TYR A 150 4.00 -0.70 6.83
CA TYR A 150 3.75 -1.12 5.45
C TYR A 150 4.67 -0.39 4.49
N GLY A 151 4.79 0.94 4.65
CA GLY A 151 5.71 1.70 3.82
C GLY A 151 7.15 1.35 4.10
N TYR A 152 7.49 1.06 5.37
CA TYR A 152 8.86 0.73 5.73
C TYR A 152 9.31 -0.57 5.07
N ASN A 153 8.47 -1.59 5.08
CA ASN A 153 8.87 -2.88 4.53
C ASN A 153 8.76 -2.94 3.00
N LEU A 154 8.23 -1.89 2.37
CA LEU A 154 8.29 -1.82 0.91
C LEU A 154 9.70 -1.47 0.44
N SER A 155 10.41 -0.62 1.20
CA SER A 155 11.67 -0.07 0.74
C SER A 155 12.88 -0.56 1.52
N VAL A 156 12.69 -1.24 2.66
CA VAL A 156 13.82 -1.75 3.44
C VAL A 156 14.46 -2.98 2.80
N VAL A 157 13.85 -3.52 1.75
CA VAL A 157 14.35 -4.74 1.13
C VAL A 157 15.41 -4.42 0.05
N ASN A 158 15.37 -3.23 -0.53
CA ASN A 158 16.23 -2.92 -1.67
C ASN A 158 17.70 -2.71 -1.27
N ALA A 159 17.94 -2.12 -0.10
CA ALA A 159 19.31 -1.69 0.22
C ALA A 159 20.19 -2.84 0.70
N PRO A 160 19.72 -3.81 1.60
CA PRO A 160 20.55 -5.00 1.89
C PRO A 160 20.37 -6.12 0.87
N THR A 161 20.30 -5.77 -0.40
CA THR A 161 20.11 -6.78 -1.44
C THR A 161 21.40 -7.56 -1.74
N PRO A 162 22.58 -6.94 -1.97
CA PRO A 162 23.77 -7.77 -2.22
C PRO A 162 24.24 -8.57 -1.02
N TYR A 163 23.82 -8.21 0.19
CA TYR A 163 24.25 -8.96 1.38
C TYR A 163 23.46 -10.24 1.56
N ILE A 164 22.14 -10.19 1.34
CA ILE A 164 21.30 -11.36 1.57
C ILE A 164 21.57 -12.44 0.53
N LYS A 165 21.69 -12.07 -0.74
CA LYS A 165 22.00 -13.05 -1.78
C LYS A 165 23.41 -13.63 -1.63
N ALA A 166 24.29 -12.93 -0.91
CA ALA A 166 25.53 -13.57 -0.47
C ALA A 166 25.28 -14.50 0.71
N PHE A 167 24.38 -14.11 1.61
CA PHE A 167 24.01 -14.96 2.74
C PHE A 167 23.15 -16.14 2.26
N TYR A 168 22.35 -15.93 1.20
CA TYR A 168 21.58 -17.03 0.64
C TYR A 168 22.49 -18.11 0.07
N ASN A 169 23.57 -17.70 -0.61
CA ASN A 169 24.50 -18.68 -1.18
C ASN A 169 25.32 -19.36 -0.09
N GLU A 170 25.71 -18.61 0.96
CA GLU A 170 26.49 -19.19 2.04
C GLU A 170 25.69 -20.24 2.83
N SER A 171 24.42 -19.91 3.13
CA SER A 171 23.59 -20.86 3.87
C SER A 171 23.26 -22.08 3.05
N TRP A 172 23.08 -21.91 1.74
CA TRP A 172 22.88 -23.04 0.85
C TRP A 172 24.16 -23.85 0.69
N GLU A 173 25.33 -23.23 0.85
CA GLU A 173 26.61 -23.94 0.76
C GLU A 173 26.98 -24.63 2.06
N ARG A 174 26.59 -24.07 3.21
CA ARG A 174 26.71 -24.74 4.50
C ARG A 174 25.51 -25.65 4.80
N ARG A 175 25.18 -26.41 3.77
CA ARG A 175 24.02 -27.29 3.67
C ARG A 175 24.38 -28.29 2.57
N HIS A 176 23.36 -28.90 1.95
CA HIS A 176 23.56 -29.66 0.72
C HIS A 176 24.38 -28.84 -0.27
N GLY A 177 25.60 -29.30 -0.57
CA GLY A 177 26.62 -28.42 -1.09
C GLY A 177 26.82 -28.37 -2.60
N ARG A 178 26.20 -27.39 -3.24
CA ARG A 178 26.56 -26.90 -4.56
C ARG A 178 26.37 -25.39 -4.56
N PRO A 179 27.13 -24.67 -5.38
CA PRO A 179 26.85 -23.24 -5.56
C PRO A 179 25.49 -23.04 -6.20
N ILE A 180 24.81 -21.96 -5.81
CA ILE A 180 23.49 -21.67 -6.34
C ILE A 180 23.61 -21.22 -7.78
N ASP A 181 22.88 -21.89 -8.68
CA ASP A 181 22.79 -21.44 -10.06
C ASP A 181 22.10 -20.07 -10.13
N PRO A 182 22.53 -19.21 -11.06
CA PRO A 182 22.05 -17.81 -11.05
C PRO A 182 20.56 -17.64 -11.26
N ASP A 183 19.86 -18.62 -11.83
CA ASP A 183 18.42 -18.50 -12.02
C ASP A 183 17.67 -18.55 -10.70
N THR A 184 18.00 -19.53 -9.84
CA THR A 184 17.26 -19.72 -8.61
C THR A 184 17.69 -18.81 -7.48
N LEU A 185 18.84 -18.14 -7.59
CA LEU A 185 19.18 -17.12 -6.60
C LEU A 185 18.23 -15.94 -6.69
N THR A 186 17.96 -15.47 -7.91
CA THR A 186 16.98 -14.39 -8.08
C THR A 186 15.56 -14.91 -7.88
N LEU A 187 15.32 -16.19 -8.13
CA LEU A 187 14.00 -16.76 -7.85
C LEU A 187 13.74 -16.80 -6.35
N LEU A 188 14.73 -17.23 -5.56
CA LEU A 188 14.58 -17.21 -4.11
C LEU A 188 14.46 -15.79 -3.58
N TRP A 189 15.24 -14.86 -4.17
CA TRP A 189 15.16 -13.47 -3.74
C TRP A 189 13.83 -12.84 -4.11
N SER A 190 13.28 -13.16 -5.29
CA SER A 190 11.98 -12.63 -5.67
C SER A 190 10.88 -13.20 -4.78
N VAL A 191 11.02 -14.44 -4.33
CA VAL A 191 10.09 -15.01 -3.36
C VAL A 191 10.17 -14.24 -2.05
N THR A 192 11.38 -13.92 -1.59
CA THR A 192 11.55 -13.16 -0.36
C THR A 192 10.91 -11.77 -0.47
N VAL A 193 11.07 -11.13 -1.63
CA VAL A 193 10.47 -9.82 -1.86
C VAL A 193 8.95 -9.92 -1.94
N SER A 194 8.43 -10.89 -2.68
CA SER A 194 7.02 -10.91 -3.05
C SER A 194 6.12 -11.70 -2.12
N ILE A 195 6.67 -12.52 -1.20
CA ILE A 195 5.81 -13.24 -0.28
C ILE A 195 5.19 -12.34 0.78
N PHE A 196 5.71 -11.12 0.92
CA PHE A 196 5.07 -10.12 1.77
C PHE A 196 3.73 -9.71 1.19
N ALA A 197 3.58 -9.77 -0.14
CA ALA A 197 2.29 -9.51 -0.76
C ALA A 197 1.28 -10.62 -0.48
N ILE A 198 1.73 -11.87 -0.48
CA ILE A 198 0.85 -12.99 -0.14
C ILE A 198 0.39 -12.88 1.32
N GLY A 199 1.28 -12.43 2.20
CA GLY A 199 0.86 -12.14 3.57
C GLY A 199 -0.21 -11.08 3.64
N GLY A 200 -0.11 -10.04 2.80
CA GLY A 200 -1.16 -9.05 2.73
C GLY A 200 -2.46 -9.62 2.20
N LEU A 201 -2.38 -10.51 1.20
CA LEU A 201 -3.56 -11.22 0.72
C LEU A 201 -4.15 -12.10 1.80
N VAL A 202 -3.29 -12.83 2.52
CA VAL A 202 -3.75 -13.64 3.65
C VAL A 202 -4.29 -12.74 4.77
N GLY A 203 -3.61 -11.62 5.01
CA GLY A 203 -4.00 -10.74 6.10
C GLY A 203 -5.35 -10.08 5.90
N THR A 204 -5.69 -9.76 4.64
CA THR A 204 -6.96 -9.10 4.36
C THR A 204 -8.14 -10.01 4.64
N LEU A 205 -8.00 -11.32 4.38
CA LEU A 205 -9.08 -12.25 4.68
C LEU A 205 -9.27 -12.44 6.18
N ILE A 206 -8.21 -12.24 6.96
CA ILE A 206 -8.28 -12.49 8.39
C ILE A 206 -9.17 -11.46 9.09
N VAL A 207 -9.14 -10.20 8.61
CA VAL A 207 -9.84 -9.10 9.28
C VAL A 207 -11.35 -9.31 9.33
N LYS A 208 -11.90 -10.03 8.34
CA LYS A 208 -13.32 -10.38 8.41
C LYS A 208 -13.61 -11.33 9.57
N MET A 209 -12.65 -12.20 9.91
CA MET A 209 -12.83 -13.09 11.05
C MET A 209 -12.65 -12.35 12.37
N ILE A 210 -11.67 -11.44 12.45
CA ILE A 210 -11.45 -10.69 13.69
C ILE A 210 -12.59 -9.71 13.95
N GLY A 211 -13.18 -9.17 12.88
CA GLY A 211 -14.15 -8.10 13.01
C GLY A 211 -15.42 -8.48 13.75
N LYS A 212 -15.75 -9.76 13.80
CA LYS A 212 -16.90 -10.22 14.56
C LYS A 212 -16.55 -10.64 15.99
N VAL A 213 -15.27 -10.68 16.35
CA VAL A 213 -14.87 -11.06 17.70
C VAL A 213 -14.09 -9.97 18.43
N LEU A 214 -13.53 -8.98 17.75
CA LEU A 214 -12.65 -8.02 18.40
C LEU A 214 -12.97 -6.61 17.93
N GLY A 215 -12.40 -5.63 18.63
CA GLY A 215 -12.64 -4.23 18.35
C GLY A 215 -11.73 -3.70 17.26
N ARG A 216 -11.53 -2.39 17.29
CA ARG A 216 -10.59 -1.72 16.41
C ARG A 216 -9.26 -1.45 17.08
N LYS A 217 -9.28 -0.90 18.29
CA LYS A 217 -8.04 -0.71 19.05
C LYS A 217 -7.45 -2.06 19.45
N HIS A 218 -8.29 -3.01 19.87
CA HIS A 218 -7.80 -4.32 20.28
C HIS A 218 -7.29 -5.13 19.10
N THR A 219 -7.83 -4.91 17.90
CA THR A 219 -7.32 -5.57 16.71
C THR A 219 -5.91 -5.11 16.39
N LEU A 220 -5.69 -3.78 16.41
CA LEU A 220 -4.37 -3.23 16.10
C LEU A 220 -3.33 -3.65 17.14
N LEU A 221 -3.73 -3.74 18.40
CA LEU A 221 -2.84 -4.27 19.44
C LEU A 221 -2.52 -5.73 19.19
N ALA A 222 -3.54 -6.53 18.85
CA ALA A 222 -3.31 -7.94 18.56
C ALA A 222 -2.60 -8.13 17.22
N ASN A 223 -2.76 -7.16 16.31
CA ASN A 223 -2.08 -7.25 15.01
C ASN A 223 -0.57 -7.08 15.18
N ASN A 224 -0.16 -6.29 16.18
CA ASN A 224 1.25 -6.07 16.46
C ASN A 224 1.98 -7.31 16.96
N GLY A 225 1.24 -8.36 17.35
CA GLY A 225 1.88 -9.64 17.61
C GLY A 225 2.52 -10.22 16.37
N PHE A 226 1.94 -9.96 15.19
CA PHE A 226 2.58 -10.36 13.95
C PHE A 226 3.83 -9.53 13.67
N ALA A 227 3.81 -8.25 14.04
CA ALA A 227 4.93 -7.36 13.73
C ALA A 227 6.17 -7.72 14.54
N ILE A 228 6.01 -7.99 15.83
CA ILE A 228 7.14 -8.34 16.67
C ILE A 228 7.66 -9.73 16.34
N SER A 229 6.75 -10.68 16.09
CA SER A 229 7.15 -12.06 15.80
C SER A 229 7.91 -12.16 14.48
N ALA A 230 7.47 -11.41 13.46
CA ALA A 230 8.14 -11.45 12.17
C ALA A 230 9.46 -10.69 12.19
N ALA A 231 9.54 -9.59 12.95
CA ALA A 231 10.79 -8.84 13.06
C ALA A 231 11.88 -9.67 13.73
N LEU A 232 11.51 -10.47 14.74
CA LEU A 232 12.48 -11.34 15.37
C LEU A 232 12.90 -12.48 14.44
N LEU A 233 12.05 -12.87 13.50
CA LEU A 233 12.41 -13.95 12.59
C LEU A 233 13.41 -13.49 11.53
N MET A 234 13.21 -12.29 10.98
CA MET A 234 14.14 -11.82 9.94
C MET A 234 15.47 -11.37 10.55
N ALA A 235 15.43 -10.69 11.70
CA ALA A 235 16.66 -10.19 12.32
C ALA A 235 17.54 -11.30 12.86
N CYS A 236 16.96 -12.46 13.20
CA CYS A 236 17.71 -13.60 13.68
C CYS A 236 17.97 -14.64 12.59
N SER A 237 17.72 -14.29 11.33
CA SER A 237 17.93 -15.24 10.23
C SER A 237 19.41 -15.55 10.05
N LEU A 238 20.28 -14.55 10.14
CA LEU A 238 21.70 -14.77 9.95
C LEU A 238 22.32 -15.44 11.18
N GLN A 239 21.86 -15.06 12.38
CA GLN A 239 22.40 -15.65 13.61
C GLN A 239 22.05 -17.13 13.71
N ALA A 240 20.84 -17.51 13.31
CA ALA A 240 20.46 -18.92 13.30
C ALA A 240 21.05 -19.68 12.12
N GLY A 241 21.54 -18.98 11.11
CA GLY A 241 22.16 -19.64 9.97
C GLY A 241 21.20 -20.35 9.05
N ALA A 242 19.93 -19.97 9.05
CA ALA A 242 18.93 -20.56 8.17
C ALA A 242 18.18 -19.44 7.47
N PHE A 243 18.10 -19.52 6.14
CA PHE A 243 17.46 -18.47 5.36
C PHE A 243 15.94 -18.64 5.26
N GLU A 244 15.40 -19.75 5.76
CA GLU A 244 13.95 -19.97 5.69
C GLU A 244 13.20 -19.01 6.59
N MET A 245 13.81 -18.58 7.71
CA MET A 245 13.16 -17.65 8.61
C MET A 245 12.97 -16.28 7.97
N LEU A 246 13.84 -15.91 7.03
CA LEU A 246 13.67 -14.64 6.33
C LEU A 246 12.43 -14.67 5.43
N ILE A 247 12.20 -15.79 4.74
CA ILE A 247 11.02 -15.91 3.88
C ILE A 247 9.76 -15.98 4.73
N VAL A 248 9.78 -16.76 5.81
CA VAL A 248 8.65 -16.85 6.73
C VAL A 248 8.44 -15.51 7.45
N GLY A 249 9.53 -14.82 7.76
CA GLY A 249 9.42 -13.52 8.40
C GLY A 249 8.76 -12.48 7.50
N ARG A 250 9.08 -12.50 6.20
CA ARG A 250 8.44 -11.60 5.26
C ARG A 250 6.95 -11.89 5.13
N PHE A 251 6.58 -13.18 5.13
CA PHE A 251 5.17 -13.55 5.01
C PHE A 251 4.36 -13.10 6.22
N ILE A 252 4.92 -13.24 7.42
CA ILE A 252 4.20 -12.87 8.63
C ILE A 252 4.09 -11.36 8.77
N MET A 253 5.12 -10.61 8.33
CA MET A 253 5.01 -9.15 8.31
C MET A 253 3.96 -8.70 7.29
N GLY A 254 3.81 -9.44 6.19
CA GLY A 254 2.75 -9.14 5.25
C GLY A 254 1.37 -9.29 5.86
N ILE A 255 1.21 -10.28 6.75
CA ILE A 255 -0.04 -10.43 7.49
C ILE A 255 -0.28 -9.23 8.38
N ASP A 256 0.79 -8.70 8.99
CA ASP A 256 0.67 -7.47 9.76
C ASP A 256 0.26 -6.30 8.88
N GLY A 257 0.86 -6.18 7.70
CA GLY A 257 0.55 -5.06 6.83
C GLY A 257 -0.86 -5.12 6.24
N GLY A 258 -1.31 -6.32 5.87
CA GLY A 258 -2.64 -6.45 5.31
C GLY A 258 -3.74 -6.15 6.32
N VAL A 259 -3.54 -6.58 7.57
CA VAL A 259 -4.46 -6.21 8.63
C VAL A 259 -4.37 -4.71 8.92
N ALA A 260 -3.16 -4.15 8.81
CA ALA A 260 -2.94 -2.74 9.10
C ALA A 260 -3.72 -1.84 8.16
N LEU A 261 -3.72 -2.15 6.87
CA LEU A 261 -4.40 -1.32 5.88
C LEU A 261 -5.89 -1.61 5.80
N SER A 262 -6.40 -2.60 6.53
CA SER A 262 -7.81 -2.91 6.56
C SER A 262 -8.50 -2.44 7.84
N VAL A 263 -7.74 -2.07 8.87
CA VAL A 263 -8.30 -1.61 10.13
C VAL A 263 -8.12 -0.11 10.31
N LEU A 264 -6.93 0.41 9.98
CA LEU A 264 -6.64 1.83 10.20
C LEU A 264 -7.54 2.78 9.40
N PRO A 265 -7.83 2.58 8.11
CA PRO A 265 -8.83 3.45 7.47
C PRO A 265 -10.20 3.39 8.11
N MET A 266 -10.58 2.24 8.67
CA MET A 266 -11.79 2.16 9.46
C MET A 266 -11.62 2.79 10.84
N TYR A 267 -10.41 2.75 11.39
CA TYR A 267 -10.21 3.23 12.77
C TYR A 267 -10.35 4.75 12.86
N LEU A 268 -9.67 5.48 11.97
CA LEU A 268 -9.69 6.95 12.05
C LEU A 268 -11.06 7.52 11.72
N SER A 269 -11.84 6.83 10.89
CA SER A 269 -13.14 7.37 10.47
C SER A 269 -14.13 7.43 11.63
N GLU A 270 -14.14 6.40 12.49
CA GLU A 270 -15.12 6.38 13.57
C GLU A 270 -14.75 7.34 14.70
N ILE A 271 -13.46 7.55 14.95
CA ILE A 271 -13.03 8.38 16.08
C ILE A 271 -12.91 9.85 15.72
N SER A 272 -13.19 10.23 14.47
CA SER A 272 -13.03 11.61 14.06
C SER A 272 -14.34 12.15 13.50
N PRO A 273 -14.57 13.47 13.60
CA PRO A 273 -15.80 14.04 13.05
C PRO A 273 -15.86 13.97 11.53
N LYS A 274 -17.07 14.19 11.00
CA LYS A 274 -17.33 13.98 9.58
C LYS A 274 -16.64 14.99 8.68
N GLU A 275 -16.19 16.12 9.22
CA GLU A 275 -15.54 17.15 8.41
C GLU A 275 -14.02 16.97 8.33
N ILE A 276 -13.46 16.01 9.08
CA ILE A 276 -12.02 15.71 9.01
C ILE A 276 -11.77 14.36 8.35
N ARG A 277 -12.81 13.66 7.91
CA ARG A 277 -12.64 12.32 7.33
C ARG A 277 -11.87 12.37 6.02
N GLY A 278 -12.14 13.38 5.19
CA GLY A 278 -11.45 13.48 3.91
C GLY A 278 -9.96 13.73 4.04
N SER A 279 -9.58 14.60 4.98
CA SER A 279 -8.16 14.88 5.18
C SER A 279 -7.42 13.75 5.86
N LEU A 280 -8.12 12.87 6.58
CA LEU A 280 -7.47 11.74 7.23
C LEU A 280 -7.14 10.61 6.26
N GLY A 281 -7.75 10.59 5.08
CA GLY A 281 -7.29 9.68 4.04
C GLY A 281 -5.89 10.00 3.58
N GLN A 282 -5.51 11.28 3.62
CA GLN A 282 -4.13 11.66 3.38
C GLN A 282 -3.19 11.11 4.46
N VAL A 283 -3.63 11.16 5.72
CA VAL A 283 -2.76 10.85 6.86
C VAL A 283 -2.31 9.39 6.82
N THR A 284 -3.23 8.47 6.51
CA THR A 284 -2.85 7.08 6.30
C THR A 284 -1.89 6.95 5.12
N ALA A 285 -2.17 7.66 4.03
CA ALA A 285 -1.26 7.66 2.89
C ALA A 285 0.05 8.37 3.19
N ILE A 286 0.03 9.39 4.06
CA ILE A 286 1.23 10.17 4.35
C ILE A 286 2.27 9.30 5.06
N PHE A 287 1.84 8.52 6.05
CA PHE A 287 2.79 7.75 6.84
C PHE A 287 3.32 6.54 6.08
N ILE A 288 2.61 6.10 5.04
CA ILE A 288 3.17 5.10 4.13
C ILE A 288 4.33 5.71 3.34
N CYS A 289 4.20 6.98 2.95
CA CYS A 289 5.27 7.66 2.23
C CYS A 289 6.52 7.83 3.10
N ILE A 290 6.32 8.18 4.38
CA ILE A 290 7.45 8.37 5.28
C ILE A 290 8.15 7.04 5.56
N GLY A 291 7.38 5.95 5.62
CA GLY A 291 7.97 4.63 5.80
C GLY A 291 8.90 4.25 4.65
N VAL A 292 8.50 4.54 3.41
CA VAL A 292 9.37 4.33 2.27
C VAL A 292 10.59 5.23 2.37
N PHE A 293 10.40 6.48 2.83
CA PHE A 293 11.51 7.38 3.09
C PHE A 293 12.44 6.83 4.18
N THR A 294 11.87 6.43 5.32
CA THR A 294 12.67 5.95 6.45
C THR A 294 13.38 4.64 6.12
N GLY A 295 12.68 3.72 5.45
CA GLY A 295 13.31 2.46 5.08
C GLY A 295 14.46 2.64 4.11
N GLN A 296 14.34 3.61 3.21
CA GLN A 296 15.46 3.95 2.33
C GLN A 296 16.52 4.77 3.05
N LEU A 297 16.11 5.64 3.99
CA LEU A 297 17.07 6.41 4.77
C LEU A 297 17.90 5.50 5.68
N LEU A 298 17.27 4.50 6.29
CA LEU A 298 18.01 3.56 7.13
C LEU A 298 18.88 2.61 6.32
N GLY A 299 18.74 2.58 5.00
CA GLY A 299 19.53 1.72 4.16
C GLY A 299 20.84 2.31 3.68
N LEU A 300 21.21 3.49 4.14
CA LEU A 300 22.48 4.08 3.75
C LEU A 300 23.65 3.31 4.38
N PRO A 301 24.82 3.33 3.74
CA PRO A 301 26.01 2.74 4.38
C PRO A 301 26.42 3.43 5.67
N GLU A 302 26.01 4.69 5.87
CA GLU A 302 26.40 5.41 7.07
C GLU A 302 25.63 4.92 8.30
N LEU A 303 24.32 4.69 8.16
CA LEU A 303 23.49 4.49 9.34
C LEU A 303 23.32 3.01 9.70
N LEU A 304 22.69 2.22 8.82
CA LEU A 304 22.30 0.87 9.20
C LEU A 304 22.43 -0.14 8.05
N GLY A 305 23.20 0.17 7.01
CA GLY A 305 23.17 -0.65 5.81
C GLY A 305 24.47 -1.30 5.41
N LYS A 306 25.22 -1.84 6.36
CA LYS A 306 26.49 -2.49 6.09
C LYS A 306 26.34 -4.01 6.13
N GLU A 307 27.38 -4.70 5.68
CA GLU A 307 27.36 -6.17 5.65
C GLU A 307 27.32 -6.76 7.04
N SER A 308 28.08 -6.20 7.97
CA SER A 308 28.08 -6.67 9.36
C SER A 308 26.94 -6.09 10.18
N THR A 309 26.07 -5.30 9.56
CA THR A 309 25.04 -4.54 10.26
C THR A 309 23.63 -4.87 9.79
N TRP A 310 23.45 -5.32 8.54
CA TRP A 310 22.18 -5.59 7.86
C TRP A 310 21.12 -6.39 8.63
N PRO A 311 21.42 -7.34 9.54
CA PRO A 311 20.32 -7.91 10.34
C PRO A 311 19.63 -6.90 11.25
N TYR A 312 20.28 -5.78 11.57
CA TYR A 312 19.69 -4.74 12.38
C TYR A 312 18.83 -3.78 11.57
N LEU A 313 18.50 -4.13 10.33
CA LEU A 313 17.56 -3.35 9.53
C LEU A 313 16.12 -3.79 9.77
N PHE A 314 15.90 -5.11 9.82
CA PHE A 314 14.57 -5.64 10.13
C PHE A 314 14.31 -5.69 11.63
N GLY A 315 15.35 -5.60 12.45
CA GLY A 315 15.18 -5.64 13.90
C GLY A 315 14.56 -4.39 14.48
N VAL A 316 14.67 -3.25 13.79
CA VAL A 316 14.06 -2.01 14.28
C VAL A 316 12.59 -1.89 13.92
N ILE A 317 12.01 -2.90 13.26
CA ILE A 317 10.56 -2.97 13.08
C ILE A 317 9.85 -3.09 14.42
N VAL A 318 10.54 -3.62 15.42
CA VAL A 318 9.99 -3.76 16.78
C VAL A 318 9.65 -2.40 17.37
N VAL A 319 10.47 -1.37 17.08
CA VAL A 319 10.31 -0.07 17.73
C VAL A 319 8.98 0.62 17.40
N PRO A 320 8.52 0.69 16.13
CA PRO A 320 7.14 1.18 15.92
C PRO A 320 6.07 0.31 16.57
N ALA A 321 6.29 -1.00 16.63
CA ALA A 321 5.31 -1.89 17.28
C ALA A 321 5.26 -1.64 18.77
N VAL A 322 6.42 -1.43 19.41
CA VAL A 322 6.47 -1.19 20.84
C VAL A 322 5.84 0.16 21.19
N VAL A 323 6.17 1.20 20.42
CA VAL A 323 5.65 2.55 20.68
C VAL A 323 4.13 2.57 20.53
N GLN A 324 3.61 1.87 19.52
CA GLN A 324 2.16 1.73 19.37
C GLN A 324 1.57 0.93 20.53
N LEU A 325 2.30 -0.08 21.02
CA LEU A 325 1.79 -0.97 22.07
C LEU A 325 1.63 -0.27 23.41
N LEU A 326 2.27 0.89 23.62
CA LEU A 326 2.13 1.61 24.88
C LEU A 326 1.07 2.71 24.82
N SER A 327 1.11 3.56 23.79
CA SER A 327 0.21 4.71 23.75
C SER A 327 -1.21 4.32 23.40
N LEU A 328 -1.37 3.41 22.44
CA LEU A 328 -2.71 3.07 21.93
C LEU A 328 -3.66 2.47 22.97
N PRO A 329 -3.29 1.49 23.81
CA PRO A 329 -4.26 0.98 24.79
C PRO A 329 -4.70 1.99 25.84
N PHE A 330 -3.91 3.05 26.08
CA PHE A 330 -4.35 4.11 26.98
C PHE A 330 -5.52 4.88 26.40
N LEU A 331 -5.53 5.08 25.08
CA LEU A 331 -6.60 5.81 24.42
C LEU A 331 -7.88 4.98 24.40
N PRO A 332 -9.04 5.63 24.35
CA PRO A 332 -10.31 4.89 24.29
C PRO A 332 -10.48 4.19 22.95
N ASP A 333 -11.40 3.22 22.96
CA ASP A 333 -11.71 2.41 21.78
C ASP A 333 -12.42 3.26 20.72
N SER A 334 -12.72 2.62 19.59
CA SER A 334 -13.50 3.26 18.55
C SER A 334 -14.94 3.40 19.01
N PRO A 335 -15.50 4.61 19.07
CA PRO A 335 -16.85 4.79 19.62
C PRO A 335 -17.95 4.10 18.82
N ARG A 336 -17.79 3.97 17.50
CA ARG A 336 -18.86 3.38 16.70
C ARG A 336 -18.95 1.87 16.90
N TYR A 337 -17.82 1.19 17.11
CA TYR A 337 -17.86 -0.25 17.29
C TYR A 337 -18.54 -0.64 18.60
N LEU A 338 -18.16 0.02 19.69
CA LEU A 338 -18.74 -0.31 20.99
C LEU A 338 -20.20 0.14 21.11
N LEU A 339 -20.61 1.11 20.29
CA LEU A 339 -22.02 1.51 20.28
C LEU A 339 -22.89 0.44 19.65
N LEU A 340 -22.52 -0.05 18.46
CA LEU A 340 -23.36 -0.98 17.73
C LEU A 340 -23.30 -2.40 18.30
N GLU A 341 -22.12 -2.82 18.76
CA GLU A 341 -21.91 -4.21 19.17
C GLU A 341 -21.81 -4.41 20.67
N LYS A 342 -21.10 -3.54 21.39
CA LYS A 342 -20.88 -3.73 22.82
C LYS A 342 -22.00 -3.16 23.67
N HIS A 343 -22.83 -2.27 23.11
CA HIS A 343 -23.99 -1.66 23.78
C HIS A 343 -23.56 -0.93 25.06
N ASN A 344 -22.69 0.05 24.88
CA ASN A 344 -22.05 0.79 25.96
C ASN A 344 -22.24 2.29 25.79
N GLU A 345 -23.50 2.71 25.65
CA GLU A 345 -23.84 4.13 25.46
C GLU A 345 -23.24 5.03 26.54
N ALA A 346 -23.20 4.54 27.79
CA ALA A 346 -22.55 5.29 28.85
C ALA A 346 -21.05 5.40 28.60
N ARG A 347 -20.43 4.31 28.17
CA ARG A 347 -19.01 4.34 27.81
C ARG A 347 -18.78 5.09 26.51
N ALA A 348 -19.77 5.09 25.61
CA ALA A 348 -19.64 5.78 24.33
C ALA A 348 -19.55 7.29 24.52
N VAL A 349 -20.31 7.83 25.48
CA VAL A 349 -20.27 9.26 25.75
C VAL A 349 -18.88 9.67 26.25
N LYS A 350 -18.31 8.88 27.17
CA LYS A 350 -16.95 9.15 27.64
C LYS A 350 -15.94 8.97 26.52
N ALA A 351 -16.14 7.96 25.67
CA ALA A 351 -15.24 7.75 24.54
C ALA A 351 -15.36 8.87 23.50
N PHE A 352 -16.58 9.31 23.22
CA PHE A 352 -16.78 10.38 22.24
C PHE A 352 -16.19 11.70 22.74
N GLN A 353 -16.36 12.01 24.02
CA GLN A 353 -15.89 13.29 24.56
C GLN A 353 -14.37 13.37 24.56
N THR A 354 -13.68 12.24 24.66
CA THR A 354 -12.22 12.25 24.65
C THR A 354 -11.68 12.65 23.29
N PHE A 355 -12.19 12.02 22.21
CA PHE A 355 -11.69 12.33 20.88
C PHE A 355 -12.23 13.65 20.35
N LEU A 356 -13.45 14.03 20.72
CA LEU A 356 -14.05 15.25 20.19
C LEU A 356 -13.70 16.48 21.03
N GLY A 357 -13.52 16.31 22.34
CA GLY A 357 -13.21 17.45 23.19
C GLY A 357 -14.37 18.38 23.46
N LYS A 358 -15.61 17.91 23.26
CA LYS A 358 -16.79 18.73 23.43
C LYS A 358 -17.77 18.03 24.37
N ALA A 359 -18.54 18.83 25.10
CA ALA A 359 -19.49 18.27 26.07
C ALA A 359 -20.82 17.92 25.40
N ASP A 360 -21.27 18.73 24.44
CA ASP A 360 -22.53 18.48 23.76
C ASP A 360 -22.28 17.45 22.67
N VAL A 361 -22.70 16.21 22.92
CA VAL A 361 -22.40 15.07 22.07
C VAL A 361 -23.68 14.44 21.53
N SER A 362 -24.85 14.88 22.00
CA SER A 362 -26.12 14.19 21.75
C SER A 362 -26.46 14.10 20.26
N GLN A 363 -26.11 15.13 19.48
CA GLN A 363 -26.30 15.04 18.04
C GLN A 363 -25.36 14.03 17.39
N GLU A 364 -24.18 13.84 17.96
CA GLU A 364 -23.21 12.91 17.37
C GLU A 364 -23.61 11.46 17.61
N VAL A 365 -24.14 11.17 18.79
CA VAL A 365 -24.55 9.79 19.10
C VAL A 365 -25.74 9.38 18.25
N GLU A 366 -26.77 10.23 18.19
CA GLU A 366 -28.00 9.88 17.49
C GLU A 366 -27.80 9.71 16.00
N GLU A 367 -26.77 10.32 15.42
CA GLU A 367 -26.43 10.07 14.03
C GLU A 367 -25.92 8.65 13.84
N VAL A 368 -25.18 8.11 14.82
CA VAL A 368 -24.63 6.77 14.71
C VAL A 368 -25.74 5.73 14.70
N LEU A 369 -26.73 5.87 15.61
CA LEU A 369 -27.88 4.98 15.56
C LEU A 369 -28.76 5.26 14.35
N ALA A 370 -28.74 6.50 13.84
CA ALA A 370 -29.45 6.79 12.59
C ALA A 370 -28.83 6.05 11.41
N GLU A 371 -27.50 5.94 11.41
CA GLU A 371 -26.84 5.16 10.36
C GLU A 371 -27.00 3.67 10.57
N SER A 372 -27.07 3.23 11.83
CA SER A 372 -27.12 1.80 12.13
C SER A 372 -28.45 1.18 11.74
N ARG A 373 -29.55 1.94 11.86
CA ARG A 373 -30.85 1.40 11.50
C ARG A 373 -30.96 1.16 10.00
N VAL A 374 -30.35 2.03 9.19
CA VAL A 374 -30.27 1.78 7.75
C VAL A 374 -29.28 0.65 7.45
N GLN A 375 -28.15 0.63 8.17
CA GLN A 375 -27.12 -0.36 7.92
C GLN A 375 -27.59 -1.77 8.27
N ARG A 376 -28.35 -1.91 9.35
CA ARG A 376 -28.88 -3.22 9.71
C ARG A 376 -30.06 -3.63 8.83
N SER A 377 -30.72 -2.67 8.19
CA SER A 377 -31.89 -2.99 7.36
C SER A 377 -31.50 -3.58 6.02
N ILE A 378 -30.41 -3.10 5.42
CA ILE A 378 -30.05 -3.53 4.07
C ILE A 378 -29.47 -4.94 4.11
N ARG A 379 -29.75 -5.70 3.06
CA ARG A 379 -29.22 -7.06 2.91
C ARG A 379 -27.82 -6.99 2.33
N LEU A 380 -26.87 -7.64 2.99
CA LEU A 380 -25.49 -7.61 2.55
C LEU A 380 -25.31 -8.48 1.31
N VAL A 381 -24.71 -7.92 0.28
CA VAL A 381 -24.46 -8.65 -0.96
C VAL A 381 -23.21 -9.51 -0.78
N SER A 382 -23.30 -10.79 -1.14
CA SER A 382 -22.15 -11.66 -1.05
C SER A 382 -21.16 -11.35 -2.16
N VAL A 383 -19.95 -11.92 -2.01
CA VAL A 383 -18.88 -11.67 -2.98
C VAL A 383 -19.22 -12.31 -4.32
N LEU A 384 -19.68 -13.57 -4.30
CA LEU A 384 -19.94 -14.29 -5.54
C LEU A 384 -21.15 -13.73 -6.28
N GLU A 385 -22.11 -13.13 -5.56
CA GLU A 385 -23.26 -12.53 -6.23
C GLU A 385 -22.87 -11.29 -7.02
N LEU A 386 -21.85 -10.56 -6.56
CA LEU A 386 -21.48 -9.31 -7.22
C LEU A 386 -20.80 -9.57 -8.57
N LEU A 387 -20.00 -10.64 -8.67
CA LEU A 387 -19.39 -10.98 -9.95
C LEU A 387 -20.43 -11.47 -10.95
N ARG A 388 -21.44 -12.21 -10.48
CA ARG A 388 -22.45 -12.75 -11.38
C ARG A 388 -23.59 -11.77 -11.66
N ALA A 389 -23.63 -10.63 -10.99
CA ALA A 389 -24.71 -9.67 -11.20
C ALA A 389 -24.49 -8.92 -12.50
N PRO A 390 -25.42 -8.99 -13.45
CA PRO A 390 -25.24 -8.23 -14.71
C PRO A 390 -25.45 -6.74 -14.57
N TYR A 391 -26.10 -6.29 -13.49
CA TYR A 391 -26.36 -4.87 -13.32
C TYR A 391 -25.08 -4.08 -13.04
N VAL A 392 -24.13 -4.68 -12.33
CA VAL A 392 -22.90 -4.00 -11.96
C VAL A 392 -21.72 -4.70 -12.62
N ARG A 393 -21.93 -5.27 -13.80
CA ARG A 393 -20.88 -5.99 -14.49
C ARG A 393 -19.73 -5.07 -14.90
N TRP A 394 -20.06 -3.89 -15.45
CA TRP A 394 -19.01 -2.98 -15.91
C TRP A 394 -18.39 -2.17 -14.79
N GLN A 395 -19.04 -2.08 -13.62
CA GLN A 395 -18.42 -1.42 -12.48
C GLN A 395 -17.37 -2.31 -11.82
N VAL A 396 -17.56 -3.62 -11.83
CA VAL A 396 -16.61 -4.52 -11.18
C VAL A 396 -15.30 -4.59 -11.97
N VAL A 397 -15.38 -4.71 -13.29
CA VAL A 397 -14.15 -4.76 -14.09
C VAL A 397 -13.46 -3.41 -14.11
N THR A 398 -14.22 -2.32 -13.97
CA THR A 398 -13.61 -1.00 -13.80
C THR A 398 -12.78 -0.95 -12.52
N VAL A 399 -13.29 -1.55 -11.45
CA VAL A 399 -12.52 -1.64 -10.21
C VAL A 399 -11.30 -2.55 -10.38
N ILE A 400 -11.48 -3.70 -11.04
CA ILE A 400 -10.42 -4.70 -11.13
C ILE A 400 -9.26 -4.19 -12.00
N VAL A 401 -9.57 -3.65 -13.19
CA VAL A 401 -8.53 -3.20 -14.11
C VAL A 401 -7.77 -2.02 -13.53
N THR A 402 -8.48 -1.08 -12.89
CA THR A 402 -7.82 0.04 -12.23
C THR A 402 -6.94 -0.44 -11.07
N MET A 403 -7.45 -1.36 -10.26
CA MET A 403 -6.66 -1.88 -9.14
C MET A 403 -5.49 -2.72 -9.62
N ALA A 404 -5.68 -3.49 -10.70
CA ALA A 404 -4.57 -4.26 -11.26
C ALA A 404 -3.50 -3.34 -11.83
N CYS A 405 -3.90 -2.31 -12.58
CA CYS A 405 -2.95 -1.35 -13.10
C CYS A 405 -2.37 -0.46 -12.01
N TYR A 406 -3.01 -0.39 -10.84
CA TYR A 406 -2.47 0.37 -9.73
C TYR A 406 -1.17 -0.24 -9.23
N GLN A 407 -1.07 -1.57 -9.25
CA GLN A 407 0.14 -2.28 -8.85
C GLN A 407 1.02 -2.67 -10.03
N LEU A 408 0.43 -3.08 -11.15
CA LEU A 408 1.20 -3.49 -12.31
C LEU A 408 1.82 -2.31 -13.06
N CYS A 409 1.53 -1.07 -12.65
CA CYS A 409 2.24 0.08 -13.20
C CYS A 409 3.72 0.05 -12.87
N GLY A 410 4.10 -0.62 -11.79
CA GLY A 410 5.50 -0.85 -11.49
C GLY A 410 6.12 0.08 -10.48
N LEU A 411 5.32 0.86 -9.75
CA LEU A 411 5.89 1.70 -8.70
C LEU A 411 6.48 0.84 -7.58
N ASN A 412 5.82 -0.27 -7.24
CA ASN A 412 6.35 -1.15 -6.22
C ASN A 412 7.62 -1.84 -6.67
N ALA A 413 7.79 -2.06 -7.98
CA ALA A 413 9.04 -2.58 -8.49
C ALA A 413 10.19 -1.61 -8.29
N ILE A 414 9.90 -0.31 -8.26
CA ILE A 414 10.92 0.68 -7.96
C ILE A 414 11.40 0.52 -6.53
N TRP A 415 10.48 0.36 -5.57
CA TRP A 415 10.86 0.33 -4.16
C TRP A 415 11.63 -0.93 -3.82
N PHE A 416 11.25 -2.06 -4.43
CA PHE A 416 11.91 -3.32 -4.12
C PHE A 416 13.30 -3.41 -4.74
N TYR A 417 13.50 -2.78 -5.91
CA TYR A 417 14.75 -2.93 -6.66
C TYR A 417 15.24 -1.59 -7.17
N THR A 418 15.33 -0.58 -6.30
CA THR A 418 15.79 0.73 -6.73
C THR A 418 17.28 0.70 -7.09
N ASN A 419 18.11 0.10 -6.22
CA ASN A 419 19.53 0.01 -6.50
C ASN A 419 19.82 -0.90 -7.70
N SER A 420 18.92 -1.84 -7.98
CA SER A 420 19.07 -2.66 -9.18
C SER A 420 18.81 -1.85 -10.44
N ILE A 421 17.82 -0.94 -10.41
CA ILE A 421 17.55 -0.09 -11.56
C ILE A 421 18.68 0.90 -11.78
N PHE A 422 19.10 1.60 -10.73
CA PHE A 422 20.16 2.58 -10.85
C PHE A 422 21.51 1.93 -11.13
N GLY A 423 21.72 0.71 -10.65
CA GLY A 423 22.93 -0.02 -11.01
C GLY A 423 22.99 -0.33 -12.50
N LYS A 424 21.84 -0.56 -13.12
CA LYS A 424 21.76 -0.81 -14.55
C LYS A 424 21.54 0.45 -15.38
N ALA A 425 21.23 1.58 -14.75
CA ALA A 425 21.01 2.83 -15.48
C ALA A 425 22.28 3.68 -15.56
N GLY A 426 23.40 3.05 -15.93
CA GLY A 426 24.65 3.75 -16.16
C GLY A 426 25.27 4.51 -14.99
N ILE A 427 24.66 4.44 -13.83
CA ILE A 427 25.08 5.23 -12.68
C ILE A 427 26.28 4.55 -12.03
N PRO A 428 27.42 5.24 -11.89
CA PRO A 428 28.53 4.65 -11.15
C PRO A 428 28.19 4.49 -9.68
N PRO A 429 28.72 3.46 -9.02
CA PRO A 429 28.34 3.19 -7.63
C PRO A 429 28.85 4.21 -6.63
N ALA A 430 28.60 3.94 -5.34
CA ALA A 430 28.93 4.74 -4.16
C ALA A 430 28.11 6.02 -4.05
N LYS A 431 27.20 6.29 -4.99
CA LYS A 431 26.21 7.34 -4.83
C LYS A 431 24.79 6.82 -5.04
N ILE A 432 24.64 5.53 -5.36
CA ILE A 432 23.30 4.95 -5.51
C ILE A 432 22.46 5.03 -4.23
N PRO A 433 22.97 4.76 -3.02
CA PRO A 433 22.11 4.89 -1.83
C PRO A 433 21.59 6.30 -1.57
N TYR A 434 22.22 7.33 -2.12
CA TYR A 434 21.70 8.69 -1.98
C TYR A 434 20.77 9.08 -3.11
N VAL A 435 21.00 8.54 -4.32
CA VAL A 435 20.03 8.72 -5.40
C VAL A 435 18.75 7.96 -5.10
N THR A 436 18.89 6.77 -4.48
CA THR A 436 17.74 6.02 -3.97
C THR A 436 16.94 6.86 -2.97
N LEU A 437 17.64 7.61 -2.12
CA LEU A 437 16.98 8.47 -1.15
C LEU A 437 16.15 9.57 -1.81
N SER A 438 16.47 9.95 -3.05
CA SER A 438 15.68 10.95 -3.75
C SER A 438 14.36 10.38 -4.28
N THR A 439 14.33 9.09 -4.61
CA THR A 439 13.10 8.48 -5.13
C THR A 439 12.00 8.46 -4.08
N GLY A 440 12.34 8.10 -2.84
CA GLY A 440 11.37 8.16 -1.76
C GLY A 440 11.13 9.55 -1.22
N GLY A 441 12.09 10.46 -1.42
CA GLY A 441 11.93 11.81 -0.90
C GLY A 441 10.85 12.61 -1.59
N ILE A 442 10.73 12.46 -2.91
CA ILE A 442 9.80 13.29 -3.68
C ILE A 442 8.35 12.88 -3.37
N GLU A 443 8.11 11.58 -3.16
CA GLU A 443 6.77 11.10 -2.87
C GLU A 443 6.22 11.68 -1.57
N THR A 444 7.10 11.84 -0.56
CA THR A 444 6.68 12.43 0.70
C THR A 444 6.24 13.88 0.53
N LEU A 445 6.98 14.65 -0.27
CA LEU A 445 6.56 16.04 -0.53
C LEU A 445 5.41 16.10 -1.51
N ALA A 446 5.32 15.15 -2.45
CA ALA A 446 4.21 15.16 -3.39
C ALA A 446 2.91 14.66 -2.78
N ALA A 447 2.99 13.99 -1.63
CA ALA A 447 1.77 13.50 -0.98
C ALA A 447 1.00 14.64 -0.32
N VAL A 448 1.71 15.64 0.22
CA VAL A 448 1.00 16.79 0.78
C VAL A 448 0.48 17.70 -0.33
N PHE A 449 1.02 17.59 -1.55
CA PHE A 449 0.45 18.27 -2.71
C PHE A 449 -0.66 17.47 -3.37
N SER A 450 -0.83 16.19 -2.99
CA SER A 450 -1.81 15.33 -3.65
C SER A 450 -3.23 15.79 -3.38
N GLY A 451 -3.54 16.11 -2.13
CA GLY A 451 -4.89 16.55 -1.79
C GLY A 451 -5.28 17.86 -2.46
N LEU A 452 -4.31 18.75 -2.68
CA LEU A 452 -4.56 19.95 -3.47
C LEU A 452 -4.90 19.58 -4.91
N VAL A 453 -4.21 18.58 -5.46
CA VAL A 453 -4.47 18.16 -6.84
C VAL A 453 -5.83 17.48 -6.94
N ILE A 454 -6.18 16.66 -5.96
CA ILE A 454 -7.48 15.97 -5.95
C ILE A 454 -8.63 16.98 -5.87
N GLU A 455 -8.47 18.01 -5.04
CA GLU A 455 -9.56 18.94 -4.78
C GLU A 455 -9.86 19.83 -5.98
N HIS A 456 -8.82 20.36 -6.63
CA HIS A 456 -8.98 21.49 -7.52
C HIS A 456 -8.96 21.15 -9.01
N LEU A 457 -8.88 19.87 -9.39
CA LEU A 457 -8.88 19.58 -10.82
C LEU A 457 -10.03 18.65 -11.22
N GLY A 458 -10.22 17.54 -10.53
CA GLY A 458 -11.21 16.56 -10.91
C GLY A 458 -10.79 15.18 -10.47
N ARG A 459 -11.56 14.19 -10.93
CA ARG A 459 -11.30 12.79 -10.63
C ARG A 459 -11.00 11.94 -11.85
N ARG A 460 -11.75 12.10 -12.93
CA ARG A 460 -11.52 11.30 -14.12
C ARG A 460 -10.30 11.78 -14.93
N PRO A 461 -10.07 13.09 -15.15
CA PRO A 461 -8.82 13.49 -15.83
C PRO A 461 -7.54 13.05 -15.13
N LEU A 462 -7.56 12.86 -13.81
CA LEU A 462 -6.37 12.40 -13.11
C LEU A 462 -6.03 10.96 -13.47
N LEU A 463 -7.04 10.10 -13.64
CA LEU A 463 -6.76 8.68 -13.83
C LEU A 463 -6.17 8.40 -15.20
N ILE A 464 -6.75 8.96 -16.26
CA ILE A 464 -6.11 8.86 -17.57
C ILE A 464 -4.83 9.69 -17.60
N GLY A 465 -4.84 10.85 -16.92
CA GLY A 465 -3.63 11.66 -16.84
C GLY A 465 -2.52 11.01 -16.04
N GLY A 466 -2.86 10.28 -14.99
CA GLY A 466 -1.86 9.63 -14.15
C GLY A 466 -1.09 8.53 -14.85
N PHE A 467 -1.79 7.52 -15.36
CA PHE A 467 -1.12 6.48 -16.13
C PHE A 467 -0.66 6.97 -17.50
N GLY A 468 -1.25 8.05 -18.01
CA GLY A 468 -0.75 8.63 -19.24
C GLY A 468 0.63 9.21 -19.11
N LEU A 469 0.89 9.93 -18.01
CA LEU A 469 2.23 10.43 -17.75
C LEU A 469 3.18 9.30 -17.38
N MET A 470 2.67 8.23 -16.76
CA MET A 470 3.51 7.07 -16.47
C MET A 470 4.03 6.43 -17.74
N GLY A 471 3.14 6.14 -18.68
CA GLY A 471 3.54 5.49 -19.93
C GLY A 471 4.47 6.36 -20.76
N LEU A 472 4.26 7.68 -20.74
CA LEU A 472 5.17 8.59 -21.42
C LEU A 472 6.55 8.58 -20.75
N PHE A 473 6.58 8.77 -19.43
CA PHE A 473 7.85 8.83 -18.72
C PHE A 473 8.49 7.46 -18.54
N PHE A 474 7.74 6.37 -18.75
CA PHE A 474 8.39 5.06 -18.88
C PHE A 474 9.11 4.97 -20.23
N GLY A 475 8.55 5.59 -21.26
CA GLY A 475 9.25 5.67 -22.53
C GLY A 475 10.50 6.54 -22.46
N THR A 476 10.40 7.70 -21.80
CA THR A 476 11.58 8.53 -21.57
C THR A 476 12.57 7.85 -20.63
N LEU A 477 12.09 6.98 -19.74
CA LEU A 477 12.99 6.10 -19.02
C LEU A 477 13.70 5.16 -19.97
N THR A 478 12.95 4.53 -20.87
CA THR A 478 13.51 3.49 -21.73
C THR A 478 14.56 4.05 -22.69
N ILE A 479 14.34 5.28 -23.18
CA ILE A 479 15.32 5.88 -24.09
C ILE A 479 16.58 6.29 -23.35
N THR A 480 16.54 6.42 -22.02
CA THR A 480 17.74 6.79 -21.28
C THR A 480 18.67 5.61 -21.05
N LEU A 481 18.12 4.44 -20.68
CA LEU A 481 18.98 3.27 -20.53
C LEU A 481 19.32 2.60 -21.85
N THR A 482 18.59 2.90 -22.92
CA THR A 482 18.89 2.27 -24.21
C THR A 482 20.23 2.73 -24.77
N LEU A 483 20.44 4.04 -24.82
CA LEU A 483 21.75 4.54 -25.26
C LEU A 483 22.75 4.51 -24.09
N GLN A 484 22.51 5.35 -23.07
CA GLN A 484 23.14 5.29 -21.75
C GLN A 484 24.65 5.57 -21.79
N ASP A 485 25.21 5.71 -22.99
CA ASP A 485 26.66 5.83 -23.15
C ASP A 485 27.05 6.91 -24.14
N HIS A 486 26.10 7.66 -24.70
CA HIS A 486 26.42 8.68 -25.68
C HIS A 486 26.97 9.95 -25.03
N ALA A 487 26.68 10.17 -23.75
CA ALA A 487 27.12 11.36 -23.04
C ALA A 487 27.10 11.06 -21.54
N PRO A 488 27.96 11.69 -20.75
CA PRO A 488 27.98 11.39 -19.30
C PRO A 488 26.73 11.85 -18.56
N TRP A 489 25.95 12.76 -19.12
CA TRP A 489 24.72 13.21 -18.47
C TRP A 489 23.48 12.41 -18.88
N VAL A 490 23.64 11.45 -19.79
CA VAL A 490 22.51 10.57 -20.13
C VAL A 490 22.05 9.70 -18.97
N PRO A 491 22.94 9.03 -18.20
CA PRO A 491 22.43 8.28 -17.03
C PRO A 491 21.72 9.14 -15.98
N TYR A 492 22.12 10.39 -15.83
CA TYR A 492 21.47 11.26 -14.86
C TYR A 492 20.05 11.64 -15.27
N LEU A 493 19.72 11.54 -16.56
CA LEU A 493 18.34 11.73 -16.97
C LEU A 493 17.45 10.59 -16.50
N SER A 494 18.01 9.38 -16.39
CA SER A 494 17.24 8.25 -15.91
C SER A 494 16.83 8.43 -14.45
N ILE A 495 17.58 9.22 -13.68
CA ILE A 495 17.11 9.63 -12.36
C ILE A 495 15.84 10.46 -12.50
N VAL A 496 15.90 11.51 -13.32
CA VAL A 496 14.81 12.46 -13.48
C VAL A 496 13.58 11.79 -14.08
N GLY A 497 13.80 10.83 -14.98
CA GLY A 497 12.70 10.04 -15.51
C GLY A 497 11.98 9.20 -14.47
N ILE A 498 12.62 8.90 -13.36
CA ILE A 498 12.00 8.08 -12.31
C ILE A 498 11.25 8.94 -11.31
N LEU A 499 11.79 10.09 -10.90
CA LEU A 499 11.02 10.98 -10.03
C LEU A 499 9.81 11.56 -10.77
N ALA A 500 9.87 11.66 -12.09
CA ALA A 500 8.71 12.09 -12.86
C ALA A 500 7.60 11.04 -12.82
N ILE A 501 7.98 9.75 -12.80
CA ILE A 501 7.00 8.69 -12.64
C ILE A 501 6.40 8.73 -11.23
N ILE A 502 7.24 8.92 -10.22
CA ILE A 502 6.78 8.90 -8.83
C ILE A 502 5.88 10.09 -8.53
N ALA A 503 6.23 11.27 -9.06
CA ALA A 503 5.38 12.45 -8.88
C ALA A 503 4.03 12.28 -9.58
N SER A 504 4.00 11.55 -10.69
CA SER A 504 2.74 11.28 -11.38
C SER A 504 1.84 10.35 -10.57
N PHE A 505 2.44 9.41 -9.83
CA PHE A 505 1.66 8.47 -9.03
C PHE A 505 0.95 9.18 -7.88
N CYS A 506 1.70 9.98 -7.11
CA CYS A 506 1.15 10.59 -5.90
C CYS A 506 0.06 11.61 -6.23
N SER A 507 0.27 12.41 -7.29
CA SER A 507 -0.74 13.37 -7.70
C SER A 507 -1.98 12.68 -8.25
N GLY A 508 -1.80 11.60 -9.01
CA GLY A 508 -2.90 10.96 -9.69
C GLY A 508 -3.39 9.70 -8.99
N PRO A 509 -2.95 8.54 -9.47
CA PRO A 509 -3.50 7.26 -8.99
C PRO A 509 -3.22 6.89 -7.54
N GLY A 510 -2.61 7.80 -6.76
CA GLY A 510 -2.19 7.46 -5.41
C GLY A 510 -3.34 7.09 -4.48
N GLY A 511 -4.46 7.81 -4.57
CA GLY A 511 -5.56 7.55 -3.65
C GLY A 511 -6.93 7.54 -4.29
N ILE A 512 -6.96 7.54 -5.62
CA ILE A 512 -8.21 7.52 -6.38
C ILE A 512 -8.82 6.11 -6.50
N PRO A 513 -8.06 5.03 -6.77
CA PRO A 513 -8.69 3.69 -6.79
C PRO A 513 -9.37 3.29 -5.49
N PHE A 514 -8.85 3.73 -4.35
CA PHE A 514 -9.51 3.47 -3.07
C PHE A 514 -10.79 4.28 -2.94
N ILE A 515 -10.81 5.50 -3.46
CA ILE A 515 -11.99 6.35 -3.33
C ILE A 515 -13.01 6.13 -4.44
N LEU A 516 -12.62 5.50 -5.54
CA LEU A 516 -13.58 5.15 -6.58
C LEU A 516 -14.43 3.95 -6.20
N THR A 517 -13.81 2.94 -5.59
CA THR A 517 -14.49 1.68 -5.29
C THR A 517 -15.66 1.89 -4.34
N GLY A 518 -15.55 2.84 -3.42
CA GLY A 518 -16.66 3.21 -2.57
C GLY A 518 -17.67 4.14 -3.20
N GLU A 519 -17.47 4.50 -4.47
CA GLU A 519 -18.36 5.43 -5.15
C GLU A 519 -19.23 4.78 -6.22
N PHE A 520 -18.73 3.77 -6.93
CA PHE A 520 -19.57 3.07 -7.90
C PHE A 520 -20.64 2.24 -7.21
N PHE A 521 -20.34 1.69 -6.03
CA PHE A 521 -21.17 0.69 -5.39
C PHE A 521 -21.95 1.32 -4.23
N GLN A 522 -23.13 0.76 -3.97
CA GLN A 522 -23.99 1.21 -2.89
C GLN A 522 -23.52 0.62 -1.56
N GLN A 523 -24.25 0.96 -0.48
CA GLN A 523 -23.80 0.57 0.86
C GLN A 523 -23.90 -0.93 1.08
N SER A 524 -24.90 -1.58 0.47
CA SER A 524 -24.98 -3.03 0.55
C SER A 524 -23.94 -3.73 -0.32
N GLN A 525 -23.24 -3.01 -1.19
CA GLN A 525 -22.26 -3.60 -2.08
C GLN A 525 -20.82 -3.18 -1.80
N ARG A 526 -20.61 -2.16 -0.95
CA ARG A 526 -19.26 -1.69 -0.65
C ARG A 526 -18.35 -2.73 0.02
N PRO A 527 -18.75 -3.43 1.10
CA PRO A 527 -17.83 -4.45 1.65
C PRO A 527 -17.61 -5.63 0.72
N ALA A 528 -18.55 -5.90 -0.20
CA ALA A 528 -18.33 -6.92 -1.21
C ALA A 528 -17.55 -6.41 -2.40
N ALA A 529 -17.27 -5.10 -2.47
CA ALA A 529 -16.49 -4.52 -3.55
C ALA A 529 -15.04 -4.28 -3.17
N PHE A 530 -14.79 -3.88 -1.92
CA PHE A 530 -13.42 -3.69 -1.47
C PHE A 530 -12.66 -5.01 -1.37
N ILE A 531 -13.37 -6.12 -1.17
CA ILE A 531 -12.71 -7.41 -1.08
C ILE A 531 -12.19 -7.86 -2.44
N ILE A 532 -12.96 -7.62 -3.52
CA ILE A 532 -12.44 -7.89 -4.85
C ILE A 532 -11.35 -6.90 -5.22
N ALA A 533 -11.49 -5.64 -4.79
CA ALA A 533 -10.41 -4.68 -4.93
C ALA A 533 -9.22 -5.06 -4.07
N GLY A 534 -9.47 -5.69 -2.91
CA GLY A 534 -8.38 -6.10 -2.04
C GLY A 534 -7.53 -7.22 -2.63
N THR A 535 -8.19 -8.24 -3.18
CA THR A 535 -7.45 -9.44 -3.58
C THR A 535 -6.59 -9.21 -4.81
N VAL A 536 -7.03 -8.38 -5.75
CA VAL A 536 -6.19 -8.08 -6.91
C VAL A 536 -5.10 -7.10 -6.51
N ASN A 537 -5.32 -6.31 -5.46
CA ASN A 537 -4.30 -5.38 -4.97
C ASN A 537 -3.08 -6.11 -4.41
N TRP A 538 -3.22 -7.37 -4.02
CA TRP A 538 -2.08 -8.16 -3.54
C TRP A 538 -1.61 -9.22 -4.52
N LEU A 539 -2.51 -9.80 -5.32
CA LEU A 539 -2.08 -10.75 -6.34
C LEU A 539 -1.28 -10.06 -7.44
N SER A 540 -1.70 -8.86 -7.85
CA SER A 540 -0.92 -8.11 -8.84
C SER A 540 0.38 -7.60 -8.22
N ASN A 541 0.34 -7.20 -6.94
CA ASN A 541 1.54 -6.76 -6.25
C ASN A 541 2.55 -7.91 -6.16
N PHE A 542 2.05 -9.12 -5.88
CA PHE A 542 2.89 -10.31 -5.91
C PHE A 542 3.43 -10.59 -7.31
N ALA A 543 2.69 -10.19 -8.35
CA ALA A 543 3.17 -10.41 -9.72
C ALA A 543 4.34 -9.50 -10.06
N VAL A 544 4.27 -8.23 -9.66
CA VAL A 544 5.38 -7.32 -9.94
C VAL A 544 6.60 -7.69 -9.10
N GLY A 545 6.38 -8.17 -7.88
CA GLY A 545 7.50 -8.52 -7.02
C GLY A 545 8.32 -9.70 -7.53
N LEU A 546 7.64 -10.74 -8.03
CA LEU A 546 8.36 -11.94 -8.45
C LEU A 546 8.90 -11.81 -9.87
N LEU A 547 8.11 -11.24 -10.78
CA LEU A 547 8.47 -11.31 -12.19
C LEU A 547 9.44 -10.24 -12.65
N PHE A 548 9.54 -9.11 -11.93
CA PHE A 548 10.42 -8.02 -12.36
C PHE A 548 11.90 -8.38 -12.48
N PRO A 549 12.55 -9.14 -11.56
CA PRO A 549 13.94 -9.52 -11.82
C PRO A 549 14.14 -10.36 -13.07
N PHE A 550 13.15 -11.18 -13.44
CA PHE A 550 13.30 -12.02 -14.63
C PHE A 550 13.14 -11.21 -15.92
N ILE A 551 12.19 -10.26 -15.94
CA ILE A 551 12.06 -9.42 -17.12
C ILE A 551 13.18 -8.38 -17.20
N GLN A 552 13.89 -8.11 -16.11
CA GLN A 552 15.09 -7.31 -16.20
C GLN A 552 16.21 -8.07 -16.93
N LYS A 553 16.28 -9.38 -16.73
CA LYS A 553 17.36 -10.17 -17.32
C LYS A 553 17.18 -10.33 -18.82
N SER A 554 15.93 -10.49 -19.28
CA SER A 554 15.68 -10.74 -20.69
C SER A 554 15.60 -9.44 -21.49
N LEU A 555 14.83 -8.46 -21.02
CA LEU A 555 14.60 -7.24 -21.77
C LEU A 555 15.77 -6.27 -21.64
N ASP A 556 16.61 -6.44 -20.62
CA ASP A 556 17.87 -5.73 -20.39
C ASP A 556 17.67 -4.23 -20.12
N THR A 557 17.47 -3.40 -21.14
CA THR A 557 17.08 -1.99 -20.95
C THR A 557 15.58 -1.83 -21.11
N TYR A 558 14.94 -2.67 -21.93
CA TYR A 558 13.56 -2.50 -22.33
C TYR A 558 12.57 -3.03 -21.31
N CYS A 559 13.04 -3.30 -20.08
CA CYS A 559 12.19 -3.89 -19.05
C CYS A 559 11.07 -2.96 -18.61
N PHE A 560 11.19 -1.65 -18.87
CA PHE A 560 10.15 -0.71 -18.53
C PHE A 560 9.13 -0.53 -19.66
N LEU A 561 9.38 -1.13 -20.83
CA LEU A 561 8.41 -1.08 -21.92
C LEU A 561 7.18 -1.93 -21.62
N VAL A 562 7.34 -3.00 -20.85
CA VAL A 562 6.19 -3.76 -20.37
C VAL A 562 5.33 -2.89 -19.46
N PHE A 563 5.97 -2.20 -18.52
CA PHE A 563 5.24 -1.26 -17.67
C PHE A 563 4.76 -0.05 -18.42
N ALA A 564 5.40 0.31 -19.54
CA ALA A 564 4.85 1.33 -20.41
C ALA A 564 3.51 0.88 -21.00
N THR A 565 3.42 -0.39 -21.39
CA THR A 565 2.19 -0.90 -22.02
C THR A 565 1.04 -1.00 -21.03
N ILE A 566 1.32 -1.30 -19.75
CA ILE A 566 0.25 -1.45 -18.77
C ILE A 566 -0.43 -0.11 -18.50
N CYS A 567 0.36 0.94 -18.26
CA CYS A 567 -0.23 2.25 -17.97
C CYS A 567 -0.90 2.85 -19.20
N ILE A 568 -0.35 2.63 -20.39
CA ILE A 568 -1.00 3.09 -21.61
C ILE A 568 -2.33 2.36 -21.81
N THR A 569 -2.34 1.04 -21.62
CA THR A 569 -3.59 0.29 -21.67
C THR A 569 -4.51 0.65 -20.52
N GLY A 570 -3.93 0.98 -19.35
CA GLY A 570 -4.75 1.45 -18.25
C GLY A 570 -5.39 2.80 -18.53
N ALA A 571 -4.62 3.73 -19.13
CA ALA A 571 -5.17 5.04 -19.46
C ALA A 571 -6.16 4.96 -20.62
N ILE A 572 -5.91 4.08 -21.58
CA ILE A 572 -6.80 3.94 -22.72
C ILE A 572 -8.14 3.35 -22.29
N TYR A 573 -8.10 2.32 -21.42
CA TYR A 573 -9.33 1.68 -20.96
C TYR A 573 -10.18 2.64 -20.13
N LEU A 574 -9.54 3.41 -19.25
CA LEU A 574 -10.31 4.33 -18.41
C LEU A 574 -10.76 5.56 -19.17
N TYR A 575 -10.20 5.82 -20.36
CA TYR A 575 -10.71 6.91 -21.19
C TYR A 575 -12.13 6.61 -21.68
N PHE A 576 -12.38 5.36 -22.06
CA PHE A 576 -13.65 4.99 -22.67
C PHE A 576 -14.70 4.53 -21.66
N VAL A 577 -14.28 3.96 -20.54
CA VAL A 577 -15.20 3.32 -19.60
C VAL A 577 -15.53 4.24 -18.42
N LEU A 578 -14.52 4.87 -17.84
CA LEU A 578 -14.73 5.65 -16.62
C LEU A 578 -15.49 6.94 -16.92
N PRO A 579 -16.59 7.21 -16.23
CA PRO A 579 -17.22 8.53 -16.30
C PRO A 579 -16.68 9.45 -15.21
N GLU A 580 -17.08 10.70 -15.29
CA GLU A 580 -16.71 11.67 -14.25
C GLU A 580 -17.42 11.32 -12.95
N THR A 581 -16.66 11.29 -11.86
CA THR A 581 -17.19 10.84 -10.57
C THR A 581 -17.21 11.93 -9.50
N LYS A 582 -16.60 13.08 -9.73
CA LYS A 582 -16.70 14.18 -8.79
C LYS A 582 -18.12 14.73 -8.77
N ASN A 583 -18.54 15.21 -7.59
CA ASN A 583 -19.82 15.84 -7.25
C ASN A 583 -21.05 15.23 -7.91
N ARG A 584 -21.08 13.91 -7.98
CA ARG A 584 -22.17 13.16 -8.60
C ARG A 584 -22.74 12.17 -7.59
N THR A 585 -24.06 12.04 -7.58
CA THR A 585 -24.69 11.03 -6.74
C THR A 585 -24.51 9.65 -7.36
N TYR A 586 -24.91 8.62 -6.59
CA TYR A 586 -24.78 7.24 -7.07
C TYR A 586 -25.68 6.96 -8.26
N ALA A 587 -26.82 7.66 -8.35
CA ALA A 587 -27.75 7.44 -9.45
C ALA A 587 -27.14 7.79 -10.80
N GLU A 588 -26.41 8.91 -10.87
CA GLU A 588 -25.79 9.30 -12.13
C GLU A 588 -24.58 8.43 -12.46
N ILE A 589 -23.86 7.95 -11.44
CA ILE A 589 -22.74 7.05 -11.67
C ILE A 589 -23.24 5.73 -12.24
N SER A 590 -24.34 5.21 -11.68
CA SER A 590 -24.95 4.00 -12.24
C SER A 590 -25.56 4.26 -13.61
N GLN A 591 -26.06 5.48 -13.83
CA GLN A 591 -26.66 5.82 -15.12
C GLN A 591 -25.64 5.78 -16.25
N ALA A 592 -24.42 6.25 -15.98
CA ALA A 592 -23.37 6.25 -16.99
C ALA A 592 -22.97 4.83 -17.37
N PHE A 593 -22.91 3.94 -16.39
CA PHE A 593 -22.59 2.54 -16.69
C PHE A 593 -23.76 1.82 -17.36
N SER A 594 -24.99 2.27 -17.09
CA SER A 594 -26.17 1.62 -17.67
C SER A 594 -26.24 1.78 -19.18
N LYS A 595 -25.55 2.77 -19.73
CA LYS A 595 -25.44 2.89 -21.18
C LYS A 595 -24.69 1.69 -21.76
N ARG A 596 -23.64 1.25 -21.08
CA ARG A 596 -22.81 0.15 -21.54
C ARG A 596 -23.20 -1.19 -20.95
N ASN A 597 -23.77 -1.21 -19.74
CA ASN A 597 -24.12 -2.46 -19.08
C ASN A 597 -25.26 -3.19 -19.78
N LYS A 598 -26.20 -2.43 -20.38
CA LYS A 598 -27.39 -2.92 -21.08
C LYS A 598 -28.37 -3.68 -20.19
N ALA A 599 -28.07 -3.78 -18.89
CA ALA A 599 -28.97 -4.39 -17.91
C ALA A 599 -29.65 -3.26 -17.14
N TYR A 600 -30.63 -2.64 -17.78
CA TYR A 600 -31.34 -1.54 -17.15
C TYR A 600 -32.22 -2.06 -16.02
N PRO A 601 -32.21 -1.41 -14.85
CA PRO A 601 -32.98 -1.86 -13.67
C PRO A 601 -34.48 -1.66 -13.83
#